data_6ULL
#
_entry.id   6ULL
#
_cell.length_a   99.539
_cell.length_b   99.539
_cell.length_c   184.870
_cell.angle_alpha   90.000
_cell.angle_beta   90.000
_cell.angle_gamma   120.000
#
_symmetry.space_group_name_H-M   'H 3 2'
#
loop_
_entity.id
_entity.type
_entity.pdbx_description
1 polymer 'N-acetyl-alpha-D-glucosaminyl L-malate deacetylase 1'
2 non-polymer '(2S)-2-({2-deoxy-2-[(hydroxycarbamoyl)amino]-alpha-D-glucopyranosyl}oxy)butanedioic acid'
3 non-polymer 'ZINC ION'
4 non-polymer 'SULFATE ION'
5 water water
#
_entity_poly.entity_id   1
_entity_poly.type   'polypeptide(L)'
_entity_poly.pdbx_seq_one_letter_code
;MGSSHHHHHHSSENLYFQGHMYNADVLAFGAHSDDVEIGMGGTIAKFVKQEKKVMICDLTEAELSSNGTVSLRKEEAAEA
ARILGADKRIQLTLPDRGLIMSDQAIRSIVTVIRICRPKAVFMPYKKDRHPDHGNAAALVEEAIFSAGIHKYKDEKSLPA
HKVSKVYYYMINGFHQPDFVIDISDTIEAKKRSLNAYKSQFIPSKDSVSTPLTNGYIEIVEAREKLYGKEAGVEYAEGFF
SKRMLMLDHDVLGGEQ
;
_entity_poly.pdbx_strand_id   A
#
loop_
_chem_comp.id
_chem_comp.type
_chem_comp.name
_chem_comp.formula
RWI D-saccharide '(2S)-2-({2-deoxy-2-[(hydroxycarbamoyl)amino]-alpha-D-glucopyranosyl}oxy)butanedioic acid' 'C11 H18 N2 O11'
SO4 non-polymer 'SULFATE ION' 'O4 S -2'
ZN non-polymer 'ZINC ION' 'Zn 2'
#
# COMPACT_ATOMS: atom_id res chain seq x y z
N ASN A 23 17.94 4.42 -0.98
CA ASN A 23 17.14 5.60 -1.41
C ASN A 23 16.00 5.12 -2.30
N ALA A 24 14.92 4.67 -1.69
CA ALA A 24 13.78 4.23 -2.51
C ALA A 24 13.10 5.46 -3.10
N ASP A 25 12.57 5.31 -4.29
CA ASP A 25 11.74 6.39 -4.82
C ASP A 25 10.40 6.33 -4.07
N VAL A 26 9.91 5.11 -3.83
CA VAL A 26 8.56 4.91 -3.25
C VAL A 26 8.64 3.91 -2.11
N LEU A 27 7.96 4.22 -0.99
CA LEU A 27 7.73 3.25 0.09
C LEU A 27 6.20 3.20 0.33
N ALA A 28 5.60 2.05 0.11
CA ALA A 28 4.14 1.85 0.23
C ALA A 28 3.86 0.98 1.45
N PHE A 29 3.16 1.53 2.44
CA PHE A 29 2.75 0.82 3.66
C PHE A 29 1.38 0.22 3.43
N GLY A 30 1.17 -0.99 3.97
CA GLY A 30 -0.17 -1.55 4.23
C GLY A 30 -0.30 -2.07 5.65
N ALA A 31 -1.51 -2.28 6.15
CA ALA A 31 -1.69 -2.94 7.45
C ALA A 31 -1.37 -4.43 7.28
N HIS A 32 -1.81 -4.99 6.18
CA HIS A 32 -1.79 -6.44 5.91
C HIS A 32 -1.23 -6.62 4.50
N SER A 33 -0.48 -7.69 4.26
CA SER A 33 -0.08 -7.99 2.87
C SER A 33 -1.34 -8.19 2.02
N ASP A 34 -1.35 -7.62 0.81
CA ASP A 34 -2.44 -7.53 -0.18
C ASP A 34 -3.10 -6.14 -0.14
N ASP A 35 -2.96 -5.39 0.97
CA ASP A 35 -3.51 -4.01 1.02
C ASP A 35 -2.90 -3.17 -0.11
N VAL A 36 -1.58 -3.10 -0.21
CA VAL A 36 -0.88 -2.22 -1.20
C VAL A 36 -1.29 -2.67 -2.59
N GLU A 37 -1.36 -3.98 -2.84
CA GLU A 37 -1.71 -4.50 -4.17
C GLU A 37 -3.13 -4.08 -4.54
N ILE A 38 -4.07 -4.17 -3.62
CA ILE A 38 -5.49 -3.78 -3.92
C ILE A 38 -5.55 -2.29 -4.25
N GLY A 39 -4.89 -1.46 -3.47
CA GLY A 39 -4.96 -0.02 -3.67
C GLY A 39 -4.09 0.54 -4.77
N MET A 40 -2.94 -0.06 -5.04
CA MET A 40 -2.03 0.60 -5.99
C MET A 40 -1.07 -0.36 -6.69
N GLY A 41 -1.44 -1.62 -6.83
CA GLY A 41 -0.53 -2.55 -7.53
C GLY A 41 -0.27 -2.14 -8.97
N GLY A 42 -1.25 -1.57 -9.66
CA GLY A 42 -1.01 -1.10 -11.04
C GLY A 42 -0.01 0.03 -11.10
N THR A 43 -0.06 0.92 -10.11
CA THR A 43 0.86 2.06 -9.96
C THR A 43 2.27 1.58 -9.60
N ILE A 44 2.39 0.60 -8.71
N ILE A 44 2.36 0.60 -8.68
CA ILE A 44 3.73 0.06 -8.39
CA ILE A 44 3.66 -0.02 -8.32
C ILE A 44 4.34 -0.52 -9.67
C ILE A 44 4.32 -0.54 -9.62
N ALA A 45 3.59 -1.38 -10.37
CA ALA A 45 4.06 -2.02 -11.62
C ALA A 45 4.48 -0.91 -12.61
N LYS A 46 3.71 0.19 -12.69
CA LYS A 46 4.01 1.34 -13.59
C LYS A 46 5.34 1.99 -13.20
N PHE A 47 5.52 2.29 -11.93
CA PHE A 47 6.74 2.92 -11.38
C PHE A 47 7.95 2.01 -11.64
N VAL A 48 7.84 0.71 -11.36
CA VAL A 48 9.00 -0.21 -11.58
C VAL A 48 9.41 -0.18 -13.07
N LYS A 49 8.44 -0.17 -13.97
CA LYS A 49 8.72 -0.10 -15.45
C LYS A 49 9.38 1.24 -15.81
N GLN A 50 9.14 2.32 -15.06
CA GLN A 50 9.84 3.62 -15.19
C GLN A 50 11.20 3.60 -14.50
N GLU A 51 11.64 2.44 -14.02
CA GLU A 51 12.93 2.20 -13.34
C GLU A 51 12.99 3.00 -12.04
N LYS A 52 11.86 3.15 -11.34
CA LYS A 52 11.85 3.63 -9.94
C LYS A 52 12.08 2.46 -9.01
N LYS A 53 12.72 2.72 -7.88
CA LYS A 53 12.91 1.74 -6.79
C LYS A 53 11.70 1.82 -5.86
N VAL A 54 10.94 0.74 -5.80
CA VAL A 54 9.71 0.66 -4.98
C VAL A 54 9.90 -0.38 -3.88
N MET A 55 9.67 0.02 -2.63
CA MET A 55 9.69 -0.87 -1.46
C MET A 55 8.27 -0.92 -0.85
N ILE A 56 7.90 -2.08 -0.36
CA ILE A 56 6.58 -2.34 0.28
C ILE A 56 6.84 -2.72 1.74
N CYS A 57 6.05 -2.16 2.68
CA CYS A 57 6.17 -2.52 4.10
C CYS A 57 4.79 -2.92 4.61
N ASP A 58 4.67 -4.12 5.16
CA ASP A 58 3.40 -4.57 5.80
C ASP A 58 3.57 -4.38 7.30
N LEU A 59 2.64 -3.70 7.97
CA LEU A 59 2.79 -3.36 9.40
C LEU A 59 2.59 -4.60 10.27
N THR A 60 1.78 -5.52 9.79
CA THR A 60 1.35 -6.73 10.53
C THR A 60 1.61 -7.97 9.68
N GLU A 61 1.69 -9.14 10.37
CA GLU A 61 1.70 -10.46 9.67
C GLU A 61 0.31 -11.00 9.37
N ALA A 62 -0.77 -10.18 9.54
CA ALA A 62 -2.15 -10.62 9.27
C ALA A 62 -2.48 -11.97 9.99
N GLU A 63 -2.06 -12.13 11.24
CA GLU A 63 -2.24 -13.41 11.95
C GLU A 63 -3.72 -13.70 12.24
N LEU A 64 -4.64 -12.71 12.16
CA LEU A 64 -6.07 -13.01 12.41
C LEU A 64 -6.87 -13.25 11.13
N SER A 65 -6.23 -13.33 9.97
CA SER A 65 -6.88 -13.64 8.68
C SER A 65 -7.71 -14.92 8.78
N SER A 66 -8.96 -14.86 8.33
CA SER A 66 -9.91 -15.98 8.44
C SER A 66 -9.39 -17.15 7.60
N ASN A 67 -8.75 -16.88 6.46
CA ASN A 67 -8.19 -17.87 5.52
C ASN A 67 -6.68 -17.84 5.53
N GLY A 68 -6.05 -19.02 5.44
CA GLY A 68 -4.61 -19.15 5.28
C GLY A 68 -3.89 -19.22 6.63
N THR A 69 -2.58 -19.11 6.63
CA THR A 69 -1.72 -19.03 7.83
C THR A 69 -0.69 -17.92 7.64
N VAL A 70 -0.03 -17.53 8.70
CA VAL A 70 1.05 -16.50 8.69
C VAL A 70 2.12 -16.91 7.66
N SER A 71 2.61 -18.17 7.73
CA SER A 71 3.72 -18.61 6.84
C SER A 71 3.29 -18.67 5.37
N LEU A 72 2.09 -19.15 5.06
CA LEU A 72 1.56 -19.22 3.68
C LEU A 72 1.38 -17.78 3.14
N ARG A 73 0.88 -16.92 4.01
CA ARG A 73 0.62 -15.49 3.62
C ARG A 73 1.94 -14.82 3.22
N LYS A 74 3.01 -15.08 3.97
CA LYS A 74 4.34 -14.49 3.64
C LYS A 74 4.80 -14.94 2.26
N GLU A 75 4.61 -16.22 1.93
CA GLU A 75 5.01 -16.77 0.60
C GLU A 75 4.23 -16.06 -0.49
N GLU A 76 2.92 -15.95 -0.32
CA GLU A 76 2.04 -15.28 -1.29
C GLU A 76 2.48 -13.81 -1.45
N ALA A 77 2.76 -13.10 -0.36
CA ALA A 77 3.21 -11.68 -0.40
C ALA A 77 4.55 -11.56 -1.14
N ALA A 78 5.47 -12.53 -0.93
CA ALA A 78 6.78 -12.49 -1.64
C ALA A 78 6.54 -12.67 -3.15
N GLU A 79 5.58 -13.48 -3.55
CA GLU A 79 5.29 -13.75 -4.98
C GLU A 79 4.62 -12.49 -5.57
N ALA A 80 3.69 -11.87 -4.84
CA ALA A 80 3.02 -10.64 -5.33
C ALA A 80 4.10 -9.58 -5.58
N ALA A 81 5.05 -9.39 -4.67
CA ALA A 81 6.11 -8.36 -4.74
C ALA A 81 7.00 -8.64 -5.97
N ARG A 82 7.40 -9.89 -6.16
CA ARG A 82 8.15 -10.33 -7.37
C ARG A 82 7.32 -10.02 -8.62
N ILE A 83 6.04 -10.34 -8.70
CA ILE A 83 5.21 -10.09 -9.92
C ILE A 83 5.25 -8.59 -10.24
N LEU A 84 5.15 -7.74 -9.22
CA LEU A 84 5.08 -6.27 -9.45
C LEU A 84 6.47 -5.67 -9.72
N GLY A 85 7.54 -6.37 -9.35
CA GLY A 85 8.94 -5.92 -9.42
C GLY A 85 9.33 -5.03 -8.29
N ALA A 86 8.65 -5.10 -7.15
CA ALA A 86 9.06 -4.32 -5.97
C ALA A 86 10.43 -4.83 -5.52
N ASP A 87 11.29 -3.92 -5.07
CA ASP A 87 12.72 -4.17 -4.77
C ASP A 87 12.90 -4.87 -3.42
N LYS A 88 12.03 -4.61 -2.47
CA LYS A 88 12.14 -5.23 -1.14
C LYS A 88 10.76 -5.24 -0.49
N ARG A 89 10.49 -6.30 0.27
CA ARG A 89 9.26 -6.40 1.08
C ARG A 89 9.66 -6.43 2.56
N ILE A 90 9.29 -5.41 3.31
CA ILE A 90 9.66 -5.29 4.74
C ILE A 90 8.47 -5.74 5.61
N GLN A 91 8.76 -6.64 6.54
CA GLN A 91 7.73 -7.21 7.43
C GLN A 91 7.89 -6.60 8.80
N LEU A 92 6.93 -5.83 9.28
CA LEU A 92 6.85 -5.48 10.70
C LEU A 92 5.95 -6.45 11.45
N THR A 93 5.98 -6.43 12.76
CA THR A 93 5.20 -7.41 13.57
C THR A 93 4.29 -6.68 14.53
N LEU A 94 3.72 -5.54 14.12
CA LEU A 94 2.65 -4.96 14.93
C LEU A 94 1.45 -5.89 14.84
N PRO A 95 0.58 -5.88 15.85
CA PRO A 95 -0.51 -6.84 15.92
C PRO A 95 -1.67 -6.51 14.97
N ASP A 96 -2.07 -7.52 14.21
CA ASP A 96 -3.37 -7.52 13.50
C ASP A 96 -4.50 -7.17 14.49
N ARG A 97 -5.36 -6.20 14.13
CA ARG A 97 -6.47 -5.69 15.00
C ARG A 97 -5.91 -5.08 16.29
N GLY A 98 -4.65 -4.64 16.30
CA GLY A 98 -4.02 -4.03 17.49
C GLY A 98 -3.16 -2.82 17.15
N LEU A 99 -3.51 -2.10 16.09
CA LEU A 99 -2.76 -0.89 15.61
C LEU A 99 -3.24 0.35 16.36
N ILE A 100 -3.29 0.23 17.68
CA ILE A 100 -3.49 1.36 18.63
C ILE A 100 -2.32 2.34 18.47
N MET A 101 -2.63 3.61 18.53
CA MET A 101 -1.58 4.68 18.57
C MET A 101 -0.71 4.46 19.80
N SER A 102 0.60 4.29 19.63
CA SER A 102 1.56 4.18 20.73
C SER A 102 2.90 4.75 20.29
N ASP A 103 3.68 5.21 21.24
CA ASP A 103 5.06 5.70 20.97
C ASP A 103 5.88 4.58 20.32
N GLN A 104 5.81 3.35 20.84
CA GLN A 104 6.71 2.26 20.38
C GLN A 104 6.29 1.86 18.96
N ALA A 105 5.01 1.87 18.59
CA ALA A 105 4.58 1.49 17.23
C ALA A 105 5.06 2.53 16.23
N ILE A 106 4.95 3.80 16.58
CA ILE A 106 5.44 4.91 15.71
C ILE A 106 6.95 4.73 15.51
N ARG A 107 7.69 4.47 16.57
CA ARG A 107 9.18 4.36 16.49
C ARG A 107 9.61 3.23 15.54
N SER A 108 8.92 2.10 15.55
CA SER A 108 9.22 0.94 14.66
C SER A 108 9.09 1.36 13.19
N ILE A 109 8.07 2.20 12.92
CA ILE A 109 7.79 2.65 11.53
C ILE A 109 8.83 3.70 11.14
N VAL A 110 9.19 4.59 12.07
CA VAL A 110 10.25 5.60 11.81
C VAL A 110 11.51 4.89 11.31
N THR A 111 11.91 3.80 11.96
CA THR A 111 13.09 3.03 11.49
C THR A 111 12.96 2.68 10.02
N VAL A 112 11.80 2.14 9.57
CA VAL A 112 11.64 1.71 8.17
C VAL A 112 11.80 2.93 7.25
N ILE A 113 11.16 4.05 7.61
CA ILE A 113 11.26 5.28 6.80
C ILE A 113 12.72 5.74 6.67
N ARG A 114 13.46 5.71 7.77
CA ARG A 114 14.84 6.24 7.81
C ARG A 114 15.78 5.26 7.08
N ILE A 115 15.44 3.98 7.01
CA ILE A 115 16.26 2.98 6.25
C ILE A 115 16.08 3.20 4.76
N CYS A 116 14.83 3.33 4.30
CA CYS A 116 14.45 3.37 2.86
C CYS A 116 14.66 4.77 2.28
N ARG A 117 14.62 5.83 3.11
CA ARG A 117 14.76 7.25 2.68
C ARG A 117 13.94 7.50 1.42
N PRO A 118 12.61 7.22 1.47
CA PRO A 118 11.78 7.35 0.28
C PRO A 118 11.50 8.82 -0.07
N LYS A 119 11.38 9.08 -1.37
CA LYS A 119 10.89 10.38 -1.87
C LYS A 119 9.37 10.46 -1.60
N ALA A 120 8.64 9.37 -1.81
CA ALA A 120 7.17 9.34 -1.71
C ALA A 120 6.77 8.19 -0.78
N VAL A 121 5.86 8.45 0.15
CA VAL A 121 5.24 7.39 0.99
C VAL A 121 3.77 7.29 0.60
N PHE A 122 3.28 6.06 0.45
CA PHE A 122 1.85 5.75 0.22
C PHE A 122 1.34 4.98 1.40
N MET A 123 0.08 5.18 1.76
CA MET A 123 -0.52 4.44 2.88
C MET A 123 -2.01 4.33 2.63
N PRO A 124 -2.76 3.53 3.41
CA PRO A 124 -4.20 3.38 3.21
C PRO A 124 -4.97 4.68 3.53
N TYR A 125 -6.00 4.96 2.72
CA TYR A 125 -7.03 5.98 3.06
C TYR A 125 -7.89 5.53 4.23
N LYS A 126 -8.20 6.45 5.15
CA LYS A 126 -8.85 6.04 6.42
C LYS A 126 -10.34 5.72 6.25
N LYS A 127 -10.99 6.21 5.19
CA LYS A 127 -12.47 5.94 5.06
C LYS A 127 -12.74 4.55 4.48
N ASP A 128 -12.78 3.57 5.38
CA ASP A 128 -12.70 2.13 5.02
C ASP A 128 -13.35 1.37 6.15
N ARG A 129 -14.16 0.36 5.80
CA ARG A 129 -14.87 -0.51 6.77
C ARG A 129 -13.90 -1.22 7.71
N HIS A 130 -12.65 -1.39 7.31
CA HIS A 130 -11.68 -2.08 8.18
C HIS A 130 -10.93 -1.02 9.01
N PRO A 131 -11.09 -0.99 10.35
CA PRO A 131 -10.43 0.01 11.18
C PRO A 131 -8.89 -0.02 11.14
N ASP A 132 -8.30 -1.18 10.85
CA ASP A 132 -6.82 -1.26 10.78
C ASP A 132 -6.30 -0.35 9.66
N HIS A 133 -7.09 -0.10 8.61
CA HIS A 133 -6.58 0.71 7.49
C HIS A 133 -6.37 2.18 7.95
N GLY A 134 -7.40 2.80 8.57
CA GLY A 134 -7.23 4.14 9.16
C GLY A 134 -6.24 4.16 10.33
N ASN A 135 -6.19 3.09 11.13
CA ASN A 135 -5.26 3.05 12.27
C ASN A 135 -3.83 3.02 11.72
N ALA A 136 -3.60 2.27 10.65
CA ALA A 136 -2.29 2.20 10.00
C ALA A 136 -1.91 3.58 9.48
N ALA A 137 -2.83 4.24 8.79
CA ALA A 137 -2.53 5.60 8.25
C ALA A 137 -2.17 6.54 9.40
N ALA A 138 -2.87 6.51 10.52
CA ALA A 138 -2.55 7.42 11.64
C ALA A 138 -1.13 7.16 12.15
N LEU A 139 -0.76 5.91 12.32
CA LEU A 139 0.63 5.59 12.76
C LEU A 139 1.68 6.09 11.73
N VAL A 140 1.45 5.85 10.46
CA VAL A 140 2.40 6.21 9.37
C VAL A 140 2.51 7.74 9.31
N GLU A 141 1.40 8.49 9.43
CA GLU A 141 1.48 9.99 9.49
C GLU A 141 2.37 10.45 10.65
N GLU A 142 2.22 9.89 11.85
CA GLU A 142 3.05 10.29 13.01
C GLU A 142 4.51 9.96 12.71
N ALA A 143 4.75 8.78 12.15
CA ALA A 143 6.12 8.31 11.79
C ALA A 143 6.77 9.21 10.75
N ILE A 144 6.03 9.65 9.73
CA ILE A 144 6.62 10.52 8.70
C ILE A 144 7.11 11.81 9.39
N PHE A 145 6.33 12.37 10.29
CA PHE A 145 6.75 13.62 10.96
C PHE A 145 7.99 13.34 11.85
N SER A 146 7.88 12.35 12.72
CA SER A 146 9.00 12.02 13.66
C SER A 146 10.26 11.66 12.87
N ALA A 147 10.14 11.02 11.72
CA ALA A 147 11.32 10.63 10.91
C ALA A 147 12.17 11.84 10.51
N GLY A 148 11.58 13.01 10.35
CA GLY A 148 12.28 14.23 9.93
C GLY A 148 12.90 15.01 11.07
N ILE A 149 12.70 14.59 12.31
CA ILE A 149 13.18 15.30 13.53
C ILE A 149 14.49 14.65 13.99
N HIS A 150 15.62 15.33 13.80
CA HIS A 150 16.93 14.72 14.11
C HIS A 150 17.06 14.25 15.56
N LYS A 151 16.48 14.96 16.52
CA LYS A 151 16.62 14.55 17.93
C LYS A 151 15.73 13.36 18.29
N TYR A 152 14.76 13.03 17.41
CA TYR A 152 13.92 11.83 17.62
C TYR A 152 14.75 10.61 17.30
N LYS A 153 14.88 9.73 18.28
CA LYS A 153 15.77 8.55 18.15
C LYS A 153 14.95 7.33 17.74
N ASP A 154 15.36 6.64 16.69
CA ASP A 154 14.68 5.38 16.32
C ASP A 154 15.51 4.22 16.89
N GLU A 155 15.05 2.99 16.72
CA GLU A 155 15.69 1.76 17.26
C GLU A 155 17.13 1.59 16.73
N LYS A 156 17.40 2.02 15.50
CA LYS A 156 18.70 1.80 14.81
C LYS A 156 19.51 3.11 14.78
N SER A 157 19.11 4.12 15.52
CA SER A 157 19.81 5.42 15.64
C SER A 157 20.14 5.97 14.24
N LEU A 158 19.16 6.07 13.35
CA LEU A 158 19.40 6.48 11.94
C LEU A 158 19.16 7.98 11.83
N PRO A 159 19.70 8.63 10.78
CA PRO A 159 19.60 10.06 10.62
C PRO A 159 18.15 10.45 10.22
N ALA A 160 17.83 11.71 10.41
CA ALA A 160 16.52 12.31 10.02
C ALA A 160 16.36 12.15 8.51
N HIS A 161 15.12 11.93 8.10
CA HIS A 161 14.78 11.87 6.66
C HIS A 161 13.45 12.59 6.46
N LYS A 162 13.41 13.48 5.48
CA LYS A 162 12.20 14.24 5.12
C LYS A 162 11.57 13.65 3.87
N VAL A 163 10.40 13.04 3.99
CA VAL A 163 9.66 12.49 2.83
C VAL A 163 9.10 13.66 2.02
N SER A 164 9.12 13.66 0.78
N SER A 164 9.13 13.66 0.78
CA SER A 164 8.66 14.81 -0.03
CA SER A 164 8.64 14.82 -0.02
C SER A 164 7.17 14.71 -0.39
C SER A 164 7.15 14.71 -0.38
N LYS A 165 6.71 13.52 -0.80
CA LYS A 165 5.30 13.33 -1.22
C LYS A 165 4.63 12.27 -0.35
N VAL A 166 3.38 12.52 0.04
CA VAL A 166 2.61 11.58 0.89
C VAL A 166 1.21 11.39 0.28
N TYR A 167 0.89 10.15 -0.06
CA TYR A 167 -0.34 9.80 -0.76
C TYR A 167 -1.08 8.68 -0.03
N TYR A 168 -2.39 8.64 -0.27
CA TYR A 168 -3.32 7.66 0.31
C TYR A 168 -4.04 6.90 -0.81
N TYR A 169 -4.06 5.57 -0.72
CA TYR A 169 -4.71 4.71 -1.73
C TYR A 169 -5.96 4.07 -1.12
N MET A 170 -6.86 3.56 -1.96
CA MET A 170 -8.11 3.02 -1.41
C MET A 170 -8.09 1.48 -1.45
N ILE A 171 -8.43 0.88 -0.33
CA ILE A 171 -8.54 -0.60 -0.27
C ILE A 171 -10.02 -0.97 -0.45
N ASN A 172 -10.83 -0.86 0.60
CA ASN A 172 -12.26 -1.26 0.54
C ASN A 172 -13.14 -0.15 -0.06
N GLY A 173 -12.73 1.10 0.07
CA GLY A 173 -13.55 2.24 -0.42
C GLY A 173 -13.78 2.34 -1.95
N PHE A 174 -14.80 3.11 -2.31
CA PHE A 174 -14.95 3.68 -3.66
C PHE A 174 -15.32 5.15 -3.43
N HIS A 175 -14.37 6.02 -3.31
CA HIS A 175 -14.58 7.46 -2.99
C HIS A 175 -14.09 8.27 -4.16
N GLN A 176 -14.52 9.53 -4.23
CA GLN A 176 -14.01 10.42 -5.27
C GLN A 176 -12.59 10.83 -4.90
N PRO A 177 -11.57 10.43 -5.66
CA PRO A 177 -10.20 10.73 -5.25
C PRO A 177 -9.77 12.16 -5.61
N ASP A 178 -8.63 12.58 -5.08
CA ASP A 178 -8.04 13.87 -5.41
C ASP A 178 -7.43 13.80 -6.81
N PHE A 179 -6.89 12.66 -7.24
CA PHE A 179 -6.34 12.47 -8.58
C PHE A 179 -6.32 10.99 -8.88
N VAL A 180 -6.06 10.65 -10.14
CA VAL A 180 -5.86 9.24 -10.56
C VAL A 180 -4.53 9.13 -11.30
N ILE A 181 -4.04 7.89 -11.42
CA ILE A 181 -2.88 7.51 -12.23
C ILE A 181 -3.37 6.48 -13.23
N ASP A 182 -3.10 6.70 -14.51
CA ASP A 182 -3.43 5.71 -15.57
C ASP A 182 -2.64 4.42 -15.36
N ILE A 183 -3.36 3.30 -15.16
CA ILE A 183 -2.72 1.97 -15.01
C ILE A 183 -3.19 1.06 -16.15
N SER A 184 -3.71 1.62 -17.24
CA SER A 184 -4.21 0.82 -18.37
C SER A 184 -3.15 -0.21 -18.81
N ASP A 185 -1.88 0.13 -18.82
CA ASP A 185 -0.78 -0.75 -19.30
C ASP A 185 -0.32 -1.74 -18.21
N THR A 186 -0.79 -1.64 -16.95
CA THR A 186 -0.30 -2.55 -15.88
C THR A 186 -1.49 -3.21 -15.15
N ILE A 187 -2.71 -3.13 -15.68
CA ILE A 187 -3.90 -3.80 -15.08
C ILE A 187 -3.65 -5.33 -15.02
N GLU A 188 -3.01 -5.94 -16.03
CA GLU A 188 -2.78 -7.40 -15.97
C GLU A 188 -1.79 -7.73 -14.85
N ALA A 189 -0.69 -7.01 -14.72
CA ALA A 189 0.30 -7.20 -13.61
C ALA A 189 -0.42 -7.04 -12.27
N LYS A 190 -1.30 -6.06 -12.12
CA LYS A 190 -2.07 -5.89 -10.84
C LYS A 190 -2.90 -7.16 -10.57
N LYS A 191 -3.64 -7.62 -11.56
CA LYS A 191 -4.53 -8.81 -11.38
C LYS A 191 -3.67 -10.04 -11.05
N ARG A 192 -2.49 -10.19 -11.65
CA ARG A 192 -1.60 -11.33 -11.33
CA ARG A 192 -1.53 -11.30 -11.34
C ARG A 192 -1.15 -11.23 -9.87
N SER A 193 -0.81 -10.02 -9.40
CA SER A 193 -0.30 -9.81 -8.02
C SER A 193 -1.40 -10.16 -7.02
N LEU A 194 -2.64 -9.88 -7.35
CA LEU A 194 -3.78 -10.18 -6.47
C LEU A 194 -4.02 -11.70 -6.46
N ASN A 195 -3.92 -12.33 -7.64
CA ASN A 195 -4.17 -13.80 -7.75
C ASN A 195 -3.06 -14.56 -7.05
N ALA A 196 -1.92 -13.96 -6.74
CA ALA A 196 -0.87 -14.58 -5.92
C ALA A 196 -1.42 -14.89 -4.51
N TYR A 197 -2.38 -14.09 -4.00
CA TYR A 197 -3.00 -14.29 -2.67
C TYR A 197 -4.15 -15.27 -2.80
N LYS A 198 -3.83 -16.49 -3.31
CA LYS A 198 -4.83 -17.56 -3.49
C LYS A 198 -5.63 -17.77 -2.21
N SER A 199 -4.99 -17.87 -1.04
CA SER A 199 -5.68 -18.13 0.26
C SER A 199 -6.73 -17.06 0.59
N GLN A 200 -6.52 -15.83 0.13
CA GLN A 200 -7.37 -14.67 0.51
C GLN A 200 -8.57 -14.56 -0.42
N PHE A 201 -8.41 -14.83 -1.71
CA PHE A 201 -9.42 -14.44 -2.73
C PHE A 201 -10.10 -15.65 -3.38
N ILE A 202 -9.52 -16.84 -3.29
CA ILE A 202 -10.00 -18.03 -4.05
C ILE A 202 -10.50 -19.07 -3.04
N PRO A 203 -11.80 -19.43 -3.11
CA PRO A 203 -12.33 -20.46 -2.22
C PRO A 203 -11.59 -21.79 -2.45
N SER A 204 -11.52 -22.58 -1.40
CA SER A 204 -10.84 -23.90 -1.38
C SER A 204 -11.70 -24.86 -0.53
N LYS A 205 -11.27 -26.11 -0.39
CA LYS A 205 -12.02 -27.09 0.45
C LYS A 205 -12.19 -26.55 1.87
N ASP A 206 -11.19 -25.87 2.45
CA ASP A 206 -11.22 -25.48 3.87
C ASP A 206 -11.34 -23.96 4.05
N SER A 207 -11.66 -23.22 3.02
CA SER A 207 -11.84 -21.75 3.14
C SER A 207 -13.16 -21.44 3.87
N VAL A 208 -13.20 -20.31 4.54
CA VAL A 208 -14.49 -19.74 5.03
C VAL A 208 -14.82 -18.49 4.21
N SER A 209 -16.11 -18.20 4.15
CA SER A 209 -16.63 -17.00 3.45
C SER A 209 -16.09 -15.76 4.11
N THR A 210 -15.55 -14.86 3.30
CA THR A 210 -15.21 -13.49 3.75
C THR A 210 -15.64 -12.53 2.65
N PRO A 211 -15.62 -11.20 2.89
CA PRO A 211 -15.86 -10.26 1.77
C PRO A 211 -14.85 -10.40 0.62
N LEU A 212 -13.69 -11.00 0.89
CA LEU A 212 -12.60 -11.13 -0.09
C LEU A 212 -12.81 -12.36 -1.00
N THR A 213 -13.61 -13.37 -0.61
CA THR A 213 -13.68 -14.66 -1.37
C THR A 213 -14.84 -14.66 -2.36
N ASN A 214 -15.62 -13.59 -2.38
CA ASN A 214 -16.88 -13.48 -3.17
C ASN A 214 -16.70 -12.39 -4.25
N GLY A 215 -15.95 -12.67 -5.32
CA GLY A 215 -15.74 -11.82 -6.51
C GLY A 215 -15.02 -10.49 -6.22
N TYR A 216 -14.07 -10.46 -5.31
CA TYR A 216 -13.51 -9.17 -4.82
C TYR A 216 -12.55 -8.57 -5.86
N ILE A 217 -11.74 -9.39 -6.53
CA ILE A 217 -10.79 -8.91 -7.56
C ILE A 217 -11.62 -8.28 -8.72
N GLU A 218 -12.79 -8.85 -9.06
CA GLU A 218 -13.65 -8.24 -10.13
C GLU A 218 -14.15 -6.86 -9.68
N ILE A 219 -14.42 -6.66 -8.38
CA ILE A 219 -14.89 -5.37 -7.82
C ILE A 219 -13.75 -4.34 -7.87
N VAL A 220 -12.52 -4.74 -7.58
CA VAL A 220 -11.34 -3.82 -7.68
C VAL A 220 -11.20 -3.40 -9.16
N GLU A 221 -11.32 -4.34 -10.07
CA GLU A 221 -11.23 -4.05 -11.52
C GLU A 221 -12.35 -3.08 -11.93
N ALA A 222 -13.59 -3.26 -11.44
CA ALA A 222 -14.75 -2.39 -11.75
C ALA A 222 -14.42 -0.97 -11.25
N ARG A 223 -13.88 -0.83 -10.03
CA ARG A 223 -13.55 0.52 -9.51
C ARG A 223 -12.54 1.21 -10.43
N GLU A 224 -11.47 0.52 -10.82
CA GLU A 224 -10.36 1.07 -11.62
C GLU A 224 -10.92 1.40 -13.04
N LYS A 225 -11.91 0.63 -13.53
CA LYS A 225 -12.61 0.93 -14.81
C LYS A 225 -13.39 2.25 -14.66
N LEU A 226 -14.10 2.46 -13.57
CA LEU A 226 -14.89 3.69 -13.35
C LEU A 226 -13.95 4.90 -13.23
N TYR A 227 -12.86 4.80 -12.46
CA TYR A 227 -11.89 5.91 -12.37
C TYR A 227 -11.23 6.18 -13.72
N GLY A 228 -10.94 5.15 -14.51
CA GLY A 228 -10.41 5.31 -15.87
C GLY A 228 -11.38 6.10 -16.72
N LYS A 229 -12.69 5.90 -16.55
CA LYS A 229 -13.73 6.59 -17.37
C LYS A 229 -13.69 8.10 -17.05
N GLU A 230 -13.62 8.46 -15.78
CA GLU A 230 -13.52 9.86 -15.31
C GLU A 230 -12.36 10.57 -16.04
N ALA A 231 -11.32 9.85 -16.45
CA ALA A 231 -10.00 10.37 -16.87
C ALA A 231 -9.75 10.15 -18.37
N GLY A 232 -10.66 9.42 -19.03
CA GLY A 232 -10.57 9.06 -20.46
C GLY A 232 -9.59 7.97 -20.76
N VAL A 233 -9.35 7.02 -19.84
CA VAL A 233 -8.45 5.86 -20.09
C VAL A 233 -9.19 4.59 -19.67
N GLU A 234 -8.62 3.43 -19.93
CA GLU A 234 -9.27 2.12 -19.64
C GLU A 234 -9.33 1.86 -18.12
N TYR A 235 -8.21 2.05 -17.45
CA TYR A 235 -8.10 1.79 -15.98
C TYR A 235 -7.22 2.85 -15.33
N ALA A 236 -7.63 3.28 -14.14
CA ALA A 236 -6.85 4.23 -13.33
C ALA A 236 -7.07 3.88 -11.84
N GLU A 237 -6.04 4.16 -11.06
CA GLU A 237 -6.09 4.06 -9.58
C GLU A 237 -6.23 5.46 -8.98
N GLY A 238 -7.05 5.57 -7.93
CA GLY A 238 -7.37 6.80 -7.20
C GLY A 238 -6.46 7.02 -6.00
N PHE A 239 -6.08 8.27 -5.75
CA PHE A 239 -5.24 8.68 -4.60
C PHE A 239 -5.76 9.96 -3.97
N PHE A 240 -5.43 10.13 -2.71
CA PHE A 240 -5.61 11.40 -1.97
C PHE A 240 -4.23 11.93 -1.61
N SER A 241 -4.15 13.24 -1.41
CA SER A 241 -3.02 13.93 -0.74
C SER A 241 -3.56 14.95 0.25
N LYS A 242 -3.08 14.93 1.47
CA LYS A 242 -3.34 16.01 2.43
C LYS A 242 -2.36 17.17 2.18
N ARG A 243 -1.10 16.88 1.87
CA ARG A 243 -0.11 17.89 1.50
C ARG A 243 -0.58 18.54 0.19
N MET A 244 -0.26 19.83 0.04
CA MET A 244 -0.66 20.53 -1.20
C MET A 244 0.04 19.90 -2.43
N LEU A 245 -0.71 19.67 -3.50
CA LEU A 245 -0.17 19.20 -4.79
C LEU A 245 0.42 20.41 -5.51
N MET A 246 1.62 20.28 -6.03
CA MET A 246 2.22 21.29 -6.90
C MET A 246 2.42 20.62 -8.25
N LEU A 247 1.73 21.15 -9.24
CA LEU A 247 1.74 20.59 -10.61
C LEU A 247 2.54 21.46 -11.59
N ASP A 248 3.12 20.81 -12.57
CA ASP A 248 3.93 21.47 -13.59
C ASP A 248 3.64 20.85 -14.96
N HIS A 249 4.23 19.71 -15.24
CA HIS A 249 4.02 19.14 -16.59
C HIS A 249 2.59 18.62 -16.78
N ASP A 250 1.94 18.20 -15.70
CA ASP A 250 0.61 17.58 -15.82
C ASP A 250 -0.51 18.62 -15.91
N VAL A 251 -0.22 19.92 -15.80
CA VAL A 251 -1.28 20.97 -15.92
C VAL A 251 -1.81 20.91 -17.35
N LEU A 252 -0.91 20.95 -18.34
CA LEU A 252 -1.33 20.93 -19.77
C LEU A 252 -1.05 19.55 -20.37
N GLY A 253 -0.16 18.74 -19.77
CA GLY A 253 0.06 17.33 -20.16
C GLY A 253 0.51 17.17 -21.61
O7 RWI B . -7.48 -6.07 4.71
C7 RWI B . -7.39 -7.21 4.20
N8 RWI B . -7.20 -7.28 2.89
O2 RWI B . -7.09 -6.04 2.21
N2 RWI B . -7.59 -8.37 4.86
C2 RWI B . -7.71 -8.40 6.31
C3 RWI B . -6.80 -9.52 6.83
O3 RWI B . -5.46 -9.28 6.35
C4 RWI B . -6.82 -9.40 8.33
O4 RWI B . -5.99 -10.44 8.96
C5 RWI B . -8.25 -9.46 8.91
C6 RWI B . -8.40 -9.10 10.38
O6 RWI B . -7.80 -7.80 10.65
O5 RWI B . -9.12 -8.53 8.26
C1 RWI B . -9.12 -8.59 6.81
O1 RWI B . -9.55 -9.92 6.35
C9 RWI B . -10.84 -10.32 6.79
C10 RWI B . -10.83 -11.82 7.20
O13 RWI B . -11.90 -12.28 7.75
O14 RWI B . -9.74 -12.47 7.06
C11 RWI B . -11.82 -10.10 5.67
C12 RWI B . -12.15 -8.60 5.47
O16 RWI B . -12.89 -8.04 6.34
O15 RWI B . -11.70 -8.03 4.44
ZN ZN C . -5.96 -4.84 5.00
S SO4 D . -18.47 -20.40 6.08
O1 SO4 D . -17.90 -20.06 4.81
O2 SO4 D . -19.89 -20.58 5.94
O3 SO4 D . -18.20 -19.34 7.05
O4 SO4 D . -17.85 -21.62 6.59
#